data_4ELV
#
_entry.id   4ELV
#
_cell.length_a   109.213
_cell.length_b   109.213
_cell.length_c   91.047
_cell.angle_alpha   90.00
_cell.angle_beta   90.00
_cell.angle_gamma   120.00
#
_symmetry.space_group_name_H-M   'P 31 2 1'
#
loop_
_entity.id
_entity.type
_entity.pdbx_description
1 polymer 'DNA polymerase I, thermostable'
2 polymer "DNA (5'-D(*GP*AP*CP*CP*AP*CP*GP*GP*CP*GP*CP*(0R8))-3')"
3 polymer "DNA (5'-D(*AP*AP*AP*GP*GP*GP*CP*GP*CP*CP*GP*TP*GP*GP*TP*C)-3')"
4 non-polymer 'MAGNESIUM ION'
5 non-polymer '[[(2S,5R)-5-[4-azanyl-5-[2-(4-ethynylphenyl)ethynyl]-2-oxidanylidene-pyrimidin-1-yl]oxolan-2-yl]methoxy-oxidanyl-phosphoryl] phosphono hydrogen phosphate'
6 non-polymer GLYCEROL
7 non-polymer 'TRIETHYLENE GLYCOL'
8 non-polymer 1,2-ETHANEDIOL
9 non-polymer 'CALCIUM ION'
10 water water
#
loop_
_entity_poly.entity_id
_entity_poly.type
_entity_poly.pdbx_seq_one_letter_code
_entity_poly.pdbx_strand_id
1 'polypeptide(L)'
;ALEEAPWPPPEGAFVGFVLSRKEPMWADLLALAAARGGRVHRAPEPYKALRDLKEARGLLAKDLSVLALREGLGLPPGDD
PMLLAYLLDPSNTTPEGVARRYGGEWTEEAGERAALSERLFANLWGRLEGEERLLWLYREVERPLSAVLAHMEATGVRLD
VAYLRALSLEVAEEIARLEAEVFRLAGHPFNLNSRDQLERVLFDELGLPAIGKTEKTGKRSTSAAVLEALREAHPIVEKI
LQYRELTKLKSTYIDPLPDLIHPRTGRLHTRFNQTATATGRLSSSDPNLQNIPVRTPLGQRIRRAFIAEEGWLLVALDYS
QIELRVLAHLSGDENLIRVFQEGRDIHTETASWMFGVPREAVDPLMRRAAKTINFGVLYGMSAHRLSQELAIPYEEAQAF
IERYFQSFPKVRAWIEKTLEEGRRRGYVETLFGRRRYVPDLEARVKSVREAAERMAFNMPVQGTAADLMKLAMVKLFPRL
EEMGARMLLQVHDELVLEAPKERAEAVARLAKEVMEGVYPLAVPLEVEVGIGEDWLSAKE
;
A
2 'polydeoxyribonucleotide' (DG)(DA)(DC)(DC)(DA)(DC)(DG)(DG)(DC)(DG)(DC)(0R8) B
3 'polydeoxyribonucleotide' (DA)(DA)(DA)(DG)(DG)(DG)(DC)(DG)(DC)(DC)(DG)(DT)(DG)(DG)(DT)(DC) C
#
# COMPACT_ATOMS: atom_id res chain seq x y z
N LEU A 2 -29.43 -22.20 -15.56
CA LEU A 2 -28.54 -23.36 -15.47
C LEU A 2 -29.25 -24.55 -14.85
N GLU A 3 -28.91 -25.75 -15.33
CA GLU A 3 -29.45 -26.99 -14.79
C GLU A 3 -28.92 -27.24 -13.37
N GLU A 4 -29.85 -27.54 -12.47
CA GLU A 4 -29.50 -27.79 -11.07
C GLU A 4 -28.94 -29.20 -10.93
N ALA A 5 -27.77 -29.31 -10.29
CA ALA A 5 -27.11 -30.60 -10.18
C ALA A 5 -26.59 -30.80 -8.76
N PRO A 6 -26.48 -32.06 -8.33
CA PRO A 6 -25.99 -32.33 -6.98
C PRO A 6 -24.52 -31.96 -6.77
N TRP A 7 -24.19 -31.58 -5.54
CA TRP A 7 -22.81 -31.43 -5.13
C TRP A 7 -22.20 -32.85 -5.09
N PRO A 8 -20.91 -33.00 -5.39
CA PRO A 8 -19.91 -31.98 -5.76
C PRO A 8 -19.80 -31.71 -7.26
N PRO A 9 -19.25 -30.55 -7.62
CA PRO A 9 -19.05 -30.19 -9.03
C PRO A 9 -17.84 -30.92 -9.61
N PRO A 10 -17.73 -30.99 -10.94
CA PRO A 10 -16.54 -31.60 -11.54
C PRO A 10 -15.35 -30.66 -11.43
N GLU A 11 -14.15 -31.16 -11.68
CA GLU A 11 -12.93 -30.34 -11.61
C GLU A 11 -12.99 -29.18 -12.60
N GLY A 12 -12.40 -28.05 -12.24
CA GLY A 12 -12.37 -26.88 -13.10
C GLY A 12 -13.57 -25.95 -12.98
N ALA A 13 -14.49 -26.28 -12.07
CA ALA A 13 -15.72 -25.49 -11.91
C ALA A 13 -15.46 -24.12 -11.27
N PHE A 14 -16.32 -23.16 -11.58
CA PHE A 14 -16.21 -21.86 -10.95
C PHE A 14 -17.01 -21.78 -9.67
N VAL A 15 -16.41 -21.18 -8.65
CA VAL A 15 -17.03 -21.18 -7.35
C VAL A 15 -17.73 -19.84 -7.05
N GLY A 16 -18.86 -19.93 -6.34
CA GLY A 16 -19.50 -18.75 -5.81
C GLY A 16 -19.67 -18.98 -4.33
N PHE A 17 -19.59 -17.92 -3.53
CA PHE A 17 -19.70 -18.08 -2.09
C PHE A 17 -20.18 -16.79 -1.46
N VAL A 18 -20.82 -16.93 -0.31
CA VAL A 18 -21.29 -15.78 0.45
C VAL A 18 -20.69 -15.85 1.86
N LEU A 19 -20.15 -14.73 2.32
CA LEU A 19 -19.58 -14.63 3.68
C LEU A 19 -20.43 -13.67 4.51
N SER A 20 -20.40 -13.87 5.82
CA SER A 20 -21.18 -13.05 6.76
C SER A 20 -20.62 -11.63 6.88
N ARG A 21 -19.36 -11.45 6.52
CA ARG A 21 -18.72 -10.15 6.55
C ARG A 21 -17.53 -10.18 5.60
N LYS A 22 -16.95 -9.02 5.31
CA LYS A 22 -15.94 -8.93 4.26
C LYS A 22 -14.59 -9.60 4.57
N GLU A 23 -14.24 -9.68 5.85
CA GLU A 23 -12.92 -10.16 6.23
C GLU A 23 -12.91 -11.69 6.31
N PRO A 24 -12.20 -12.35 5.41
CA PRO A 24 -12.34 -13.82 5.39
C PRO A 24 -11.79 -14.52 6.63
N MET A 25 -10.85 -13.93 7.34
CA MET A 25 -10.37 -14.55 8.58
C MET A 25 -11.45 -14.52 9.67
N TRP A 26 -12.42 -13.63 9.55
CA TRP A 26 -13.46 -13.47 10.58
C TRP A 26 -14.84 -13.94 10.16
N ALA A 27 -15.00 -14.23 8.87
CA ALA A 27 -16.31 -14.50 8.29
C ALA A 27 -16.82 -15.91 8.52
N ASP A 28 -18.13 -16.02 8.68
CA ASP A 28 -18.83 -17.29 8.57
C ASP A 28 -19.12 -17.54 7.09
N LEU A 29 -18.76 -18.73 6.60
CA LEU A 29 -19.11 -19.14 5.25
C LEU A 29 -20.60 -19.52 5.20
N LEU A 30 -21.41 -18.66 4.58
CA LEU A 30 -22.86 -18.83 4.65
C LEU A 30 -23.41 -19.76 3.55
N ALA A 31 -22.79 -19.70 2.38
CA ALA A 31 -23.23 -20.52 1.25
C ALA A 31 -22.10 -20.71 0.27
N LEU A 32 -22.17 -21.80 -0.47
CA LEU A 32 -21.13 -22.15 -1.44
C LEU A 32 -21.77 -22.87 -2.61
N ALA A 33 -21.34 -22.55 -3.82
CA ALA A 33 -21.89 -23.20 -4.99
C ALA A 33 -20.83 -23.24 -6.09
N ALA A 34 -21.12 -23.98 -7.14
CA ALA A 34 -20.18 -24.10 -8.25
C ALA A 34 -20.89 -24.27 -9.58
N ALA A 35 -20.29 -23.75 -10.64
CA ALA A 35 -20.91 -23.74 -11.95
C ALA A 35 -19.94 -24.24 -13.02
N ARG A 36 -20.43 -25.16 -13.85
CA ARG A 36 -19.65 -25.71 -14.94
C ARG A 36 -20.54 -26.46 -15.91
N GLY A 37 -20.27 -26.30 -17.20
CA GLY A 37 -20.91 -27.11 -18.22
C GLY A 37 -22.42 -26.98 -18.25
N GLY A 38 -22.91 -25.79 -17.94
CA GLY A 38 -24.35 -25.53 -17.97
C GLY A 38 -25.06 -25.93 -16.68
N ARG A 39 -24.30 -26.40 -15.69
CA ARG A 39 -24.88 -26.86 -14.43
C ARG A 39 -24.46 -25.96 -13.28
N VAL A 40 -25.33 -25.85 -12.27
CA VAL A 40 -24.95 -25.23 -11.02
C VAL A 40 -25.09 -26.25 -9.88
N HIS A 41 -24.10 -26.31 -9.01
CA HIS A 41 -24.09 -27.26 -7.91
C HIS A 41 -24.10 -26.49 -6.60
N ARG A 42 -25.13 -26.68 -5.79
CA ARG A 42 -25.20 -25.99 -4.50
C ARG A 42 -24.81 -26.88 -3.31
N ALA A 43 -23.90 -26.39 -2.48
CA ALA A 43 -23.45 -27.12 -1.31
C ALA A 43 -24.55 -27.20 -0.26
N PRO A 44 -24.89 -28.41 0.19
CA PRO A 44 -25.85 -28.54 1.29
C PRO A 44 -25.29 -28.00 2.61
N GLU A 45 -24.02 -28.27 2.87
CA GLU A 45 -23.34 -27.69 4.01
C GLU A 45 -22.00 -27.15 3.54
N PRO A 46 -21.86 -25.82 3.54
CA PRO A 46 -20.70 -25.16 2.93
C PRO A 46 -19.32 -25.57 3.47
N TYR A 47 -19.18 -25.68 4.79
CA TYR A 47 -17.86 -25.96 5.36
C TYR A 47 -17.33 -27.32 4.94
N LYS A 48 -18.15 -28.35 5.06
CA LYS A 48 -17.77 -29.69 4.62
C LYS A 48 -17.54 -29.75 3.10
N ALA A 49 -18.40 -29.08 2.35
CA ALA A 49 -18.31 -29.03 0.89
C ALA A 49 -17.00 -28.42 0.40
N LEU A 50 -16.43 -27.52 1.19
CA LEU A 50 -15.15 -26.90 0.88
C LEU A 50 -14.07 -27.97 0.62
N ARG A 51 -14.12 -29.08 1.35
CA ARG A 51 -13.14 -30.16 1.19
C ARG A 51 -13.19 -30.85 -0.17
N ASP A 52 -14.25 -30.62 -0.93
CA ASP A 52 -14.41 -31.26 -2.23
C ASP A 52 -13.68 -30.52 -3.34
N LEU A 53 -13.36 -29.24 -3.11
CA LEU A 53 -12.69 -28.43 -4.13
C LEU A 53 -11.17 -28.65 -4.15
N LYS A 54 -10.58 -28.59 -5.34
CA LYS A 54 -9.13 -28.68 -5.47
C LYS A 54 -8.51 -27.29 -5.64
N GLU A 55 -9.31 -26.34 -6.11
CA GLU A 55 -8.87 -24.95 -6.19
C GLU A 55 -10.07 -24.01 -6.11
N ALA A 56 -9.79 -22.78 -5.75
CA ALA A 56 -10.81 -21.74 -5.71
C ALA A 56 -10.69 -20.91 -6.99
N ARG A 57 -11.67 -21.08 -7.86
CA ARG A 57 -11.66 -20.49 -9.19
C ARG A 57 -12.93 -19.64 -9.32
N GLY A 58 -12.78 -18.33 -9.35
CA GLY A 58 -13.95 -17.46 -9.45
C GLY A 58 -13.69 -16.08 -8.87
N LEU A 59 -14.76 -15.27 -8.80
CA LEU A 59 -14.64 -13.93 -8.26
C LEU A 59 -14.18 -13.99 -6.80
N LEU A 60 -13.26 -13.11 -6.44
CA LEU A 60 -12.70 -13.05 -5.08
C LEU A 60 -12.17 -14.40 -4.59
N ALA A 61 -11.52 -15.13 -5.49
CA ALA A 61 -10.98 -16.43 -5.14
C ALA A 61 -10.06 -16.43 -3.91
N LYS A 62 -9.21 -15.41 -3.79
CA LYS A 62 -8.29 -15.33 -2.66
C LYS A 62 -9.04 -15.33 -1.31
N ASP A 63 -10.17 -14.63 -1.23
CA ASP A 63 -10.96 -14.60 0.00
C ASP A 63 -11.40 -15.99 0.43
N LEU A 64 -11.89 -16.77 -0.52
CA LEU A 64 -12.31 -18.14 -0.20
C LEU A 64 -11.10 -18.99 0.21
N SER A 65 -9.98 -18.82 -0.49
CA SER A 65 -8.77 -19.56 -0.16
C SER A 65 -8.25 -19.26 1.25
N VAL A 66 -8.30 -17.99 1.64
CA VAL A 66 -7.93 -17.58 3.01
C VAL A 66 -8.82 -18.25 4.05
N LEU A 67 -10.12 -18.29 3.77
CA LEU A 67 -11.05 -18.96 4.66
C LEU A 67 -10.72 -20.45 4.73
N ALA A 68 -10.41 -21.06 3.58
CA ALA A 68 -10.08 -22.49 3.59
C ALA A 68 -8.81 -22.78 4.41
N LEU A 69 -7.79 -21.94 4.26
CA LEU A 69 -6.54 -22.06 5.01
C LEU A 69 -6.79 -21.93 6.51
N ARG A 70 -7.66 -20.99 6.88
CA ARG A 70 -8.06 -20.81 8.28
C ARG A 70 -8.63 -22.11 8.85
N GLU A 71 -9.31 -22.87 7.99
CA GLU A 71 -9.94 -24.11 8.42
C GLU A 71 -9.03 -25.33 8.26
N GLY A 72 -7.78 -25.08 7.90
CA GLY A 72 -6.81 -26.16 7.80
C GLY A 72 -6.83 -26.90 6.46
N LEU A 73 -7.41 -26.28 5.44
CA LEU A 73 -7.46 -26.88 4.12
C LEU A 73 -6.51 -26.15 3.17
N GLY A 74 -5.78 -26.91 2.36
CA GLY A 74 -4.85 -26.33 1.42
C GLY A 74 -5.51 -26.11 0.06
N LEU A 75 -6.40 -25.13 0.02
CA LEU A 75 -7.14 -24.80 -1.21
C LEU A 75 -6.59 -23.51 -1.83
N PRO A 76 -5.80 -23.61 -2.91
CA PRO A 76 -5.20 -22.39 -3.47
C PRO A 76 -6.15 -21.65 -4.41
N PRO A 77 -6.04 -20.32 -4.48
CA PRO A 77 -6.86 -19.59 -5.46
C PRO A 77 -6.31 -19.77 -6.87
N GLY A 78 -7.20 -19.82 -7.85
CA GLY A 78 -6.81 -19.98 -9.24
C GLY A 78 -7.30 -18.77 -10.01
N ASP A 79 -7.87 -19.00 -11.19
CA ASP A 79 -8.38 -17.89 -12.00
C ASP A 79 -9.38 -17.05 -11.22
N ASP A 80 -9.36 -15.74 -11.43
CA ASP A 80 -10.29 -14.80 -10.81
C ASP A 80 -10.55 -13.70 -11.84
N PRO A 81 -11.81 -13.60 -12.30
CA PRO A 81 -12.18 -12.55 -13.25
C PRO A 81 -11.82 -11.13 -12.75
N MET A 82 -11.84 -10.89 -11.45
CA MET A 82 -11.44 -9.56 -10.92
C MET A 82 -10.03 -9.18 -11.35
N LEU A 83 -9.12 -10.15 -11.36
CA LEU A 83 -7.73 -9.85 -11.74
C LEU A 83 -7.62 -9.55 -13.23
N LEU A 84 -8.42 -10.23 -14.05
CA LEU A 84 -8.42 -9.93 -15.47
C LEU A 84 -8.94 -8.50 -15.67
N ALA A 85 -10.02 -8.17 -14.97
CA ALA A 85 -10.66 -6.88 -15.21
C ALA A 85 -9.74 -5.75 -14.76
N TYR A 86 -9.06 -5.96 -13.63
CA TYR A 86 -8.17 -4.95 -13.06
C TYR A 86 -6.99 -4.70 -13.99
N LEU A 87 -6.53 -5.74 -14.66
CA LEU A 87 -5.44 -5.60 -15.64
C LEU A 87 -5.90 -4.81 -16.88
N LEU A 88 -7.10 -5.08 -17.37
CA LEU A 88 -7.63 -4.31 -18.49
C LEU A 88 -7.76 -2.80 -18.17
N ASP A 89 -8.12 -2.50 -16.92
CA ASP A 89 -8.40 -1.13 -16.50
C ASP A 89 -8.47 -1.13 -14.98
N PRO A 90 -7.46 -0.55 -14.33
CA PRO A 90 -7.42 -0.64 -12.87
C PRO A 90 -8.49 0.19 -12.15
N SER A 91 -9.35 0.91 -12.88
CA SER A 91 -10.56 1.46 -12.26
C SER A 91 -11.57 0.33 -11.98
N ASN A 92 -11.30 -0.88 -12.47
CA ASN A 92 -12.11 -2.05 -12.14
C ASN A 92 -11.70 -2.65 -10.78
N THR A 93 -12.32 -2.19 -9.70
CA THR A 93 -11.87 -2.55 -8.37
C THR A 93 -12.90 -3.36 -7.56
N THR A 94 -14.17 -3.30 -7.94
CA THR A 94 -15.20 -4.03 -7.20
C THR A 94 -15.96 -5.04 -8.07
N PRO A 95 -16.46 -6.11 -7.44
CA PRO A 95 -17.28 -7.09 -8.17
C PRO A 95 -18.57 -6.44 -8.69
N GLU A 96 -19.14 -5.49 -7.94
CA GLU A 96 -20.31 -4.76 -8.45
C GLU A 96 -20.02 -4.10 -9.80
N GLY A 97 -18.92 -3.37 -9.89
CA GLY A 97 -18.60 -2.60 -11.09
C GLY A 97 -18.22 -3.52 -12.25
N VAL A 98 -17.42 -4.54 -11.96
CA VAL A 98 -16.96 -5.45 -13.01
C VAL A 98 -18.12 -6.23 -13.62
N ALA A 99 -19.04 -6.69 -12.77
CA ALA A 99 -20.24 -7.40 -13.21
C ALA A 99 -21.04 -6.55 -14.20
N ARG A 100 -21.35 -5.34 -13.79
CA ARG A 100 -22.16 -4.46 -14.64
CA ARG A 100 -22.14 -4.42 -14.62
C ARG A 100 -21.47 -4.17 -15.97
N ARG A 101 -20.15 -4.02 -15.93
CA ARG A 101 -19.39 -3.66 -17.11
C ARG A 101 -19.16 -4.84 -18.07
N TYR A 102 -19.01 -6.06 -17.53
CA TYR A 102 -18.63 -7.18 -18.39
C TYR A 102 -19.65 -8.34 -18.47
N GLY A 103 -20.84 -8.14 -17.92
CA GLY A 103 -21.96 -8.98 -18.34
C GLY A 103 -22.78 -9.72 -17.31
N GLY A 104 -23.06 -9.08 -16.17
CA GLY A 104 -23.94 -9.67 -15.20
C GLY A 104 -24.28 -8.74 -14.05
N GLU A 105 -24.80 -9.31 -12.97
CA GLU A 105 -25.10 -8.54 -11.77
C GLU A 105 -24.56 -9.28 -10.54
N TRP A 106 -23.86 -8.54 -9.68
CA TRP A 106 -23.35 -9.09 -8.42
C TRP A 106 -24.48 -9.15 -7.40
N THR A 107 -24.95 -10.37 -7.11
CA THR A 107 -26.05 -10.54 -6.16
C THR A 107 -25.53 -11.13 -4.85
N GLU A 108 -26.44 -11.51 -3.97
CA GLU A 108 -26.05 -12.08 -2.67
C GLU A 108 -26.37 -13.58 -2.57
N GLU A 109 -26.41 -14.26 -3.72
CA GLU A 109 -26.71 -15.69 -3.74
C GLU A 109 -25.54 -16.46 -4.37
N ALA A 110 -25.09 -17.51 -3.68
CA ALA A 110 -23.87 -18.21 -4.07
C ALA A 110 -23.93 -18.83 -5.46
N GLY A 111 -25.08 -19.42 -5.80
CA GLY A 111 -25.23 -20.07 -7.10
C GLY A 111 -25.15 -19.06 -8.22
N GLU A 112 -25.76 -17.89 -7.98
CA GLU A 112 -25.72 -16.81 -8.95
C GLU A 112 -24.31 -16.25 -9.08
N ARG A 113 -23.59 -16.17 -7.96
CA ARG A 113 -22.20 -15.74 -7.99
C ARG A 113 -21.29 -16.70 -8.74
N ALA A 114 -21.58 -18.00 -8.65
CA ALA A 114 -20.78 -18.99 -9.38
C ALA A 114 -21.02 -18.87 -10.89
N ALA A 115 -22.29 -18.74 -11.27
CA ALA A 115 -22.64 -18.64 -12.68
C ALA A 115 -22.04 -17.36 -13.24
N LEU A 116 -22.10 -16.30 -12.45
CA LEU A 116 -21.57 -15.01 -12.85
C LEU A 116 -20.06 -15.12 -13.08
N SER A 117 -19.37 -15.79 -12.14
CA SER A 117 -17.93 -15.94 -12.25
C SER A 117 -17.59 -16.60 -13.58
N GLU A 118 -18.35 -17.64 -13.93
CA GLU A 118 -18.08 -18.39 -15.17
C GLU A 118 -18.26 -17.52 -16.41
N ARG A 119 -19.38 -16.80 -16.47
CA ARG A 119 -19.66 -15.94 -17.63
C ARG A 119 -18.64 -14.81 -17.77
N LEU A 120 -18.35 -14.12 -16.66
CA LEU A 120 -17.38 -13.03 -16.67
C LEU A 120 -15.99 -13.50 -17.10
N PHE A 121 -15.57 -14.65 -16.59
CA PHE A 121 -14.25 -15.13 -16.96
C PHE A 121 -14.18 -15.31 -18.48
N ALA A 122 -15.19 -15.95 -19.05
CA ALA A 122 -15.23 -16.16 -20.49
C ALA A 122 -15.14 -14.82 -21.22
N ASN A 123 -15.94 -13.84 -20.78
CA ASN A 123 -15.95 -12.55 -21.46
C ASN A 123 -14.60 -11.84 -21.35
N LEU A 124 -14.02 -11.81 -20.16
CA LEU A 124 -12.79 -11.05 -19.93
C LEU A 124 -11.59 -11.72 -20.55
N TRP A 125 -11.57 -13.04 -20.52
CA TRP A 125 -10.52 -13.79 -21.20
C TRP A 125 -10.51 -13.39 -22.67
N GLY A 126 -11.70 -13.26 -23.27
CA GLY A 126 -11.82 -12.79 -24.63
C GLY A 126 -11.27 -11.40 -24.90
N ARG A 127 -11.53 -10.47 -24.00
CA ARG A 127 -11.04 -9.10 -24.12
C ARG A 127 -9.51 -9.06 -24.06
N LEU A 128 -8.94 -10.06 -23.39
CA LEU A 128 -7.49 -10.10 -23.20
C LEU A 128 -6.74 -10.82 -24.31
N GLU A 129 -7.47 -11.44 -25.23
CA GLU A 129 -6.82 -12.13 -26.33
C GLU A 129 -6.19 -11.08 -27.23
N GLY A 130 -4.90 -11.25 -27.51
CA GLY A 130 -4.16 -10.27 -28.26
C GLY A 130 -3.29 -9.41 -27.35
N GLU A 131 -3.71 -9.26 -26.10
CA GLU A 131 -2.97 -8.44 -25.15
C GLU A 131 -1.88 -9.27 -24.49
N GLU A 132 -0.80 -9.51 -25.21
CA GLU A 132 0.25 -10.43 -24.77
C GLU A 132 0.91 -10.00 -23.46
N ARG A 133 1.11 -8.70 -23.29
CA ARG A 133 1.78 -8.23 -22.08
C ARG A 133 0.87 -8.34 -20.86
N LEU A 134 -0.40 -7.99 -21.01
CA LEU A 134 -1.34 -8.15 -19.92
C LEU A 134 -1.52 -9.64 -19.58
N LEU A 135 -1.53 -10.49 -20.60
CA LEU A 135 -1.65 -11.93 -20.36
C LEU A 135 -0.45 -12.44 -19.56
N TRP A 136 0.73 -11.95 -19.89
CA TRP A 136 1.93 -12.30 -19.14
C TRP A 136 1.83 -11.90 -17.67
N LEU A 137 1.39 -10.67 -17.43
CA LEU A 137 1.20 -10.20 -16.07
C LEU A 137 0.22 -11.07 -15.29
N TYR A 138 -0.88 -11.46 -15.94
CA TYR A 138 -1.86 -12.31 -15.29
C TYR A 138 -1.26 -13.68 -14.94
N ARG A 139 -0.60 -14.31 -15.89
CA ARG A 139 -0.07 -15.66 -15.71
CA ARG A 139 -0.07 -15.66 -15.71
C ARG A 139 1.17 -15.71 -14.82
N GLU A 140 2.05 -14.72 -14.97
CA GLU A 140 3.33 -14.73 -14.26
C GLU A 140 3.35 -13.94 -12.96
N VAL A 141 2.41 -13.01 -12.79
CA VAL A 141 2.42 -12.17 -11.58
C VAL A 141 1.13 -12.26 -10.78
N GLU A 142 0.03 -11.73 -11.32
CA GLU A 142 -1.18 -11.56 -10.51
C GLU A 142 -1.80 -12.88 -10.05
N ARG A 143 -2.01 -13.83 -10.96
CA ARG A 143 -2.61 -15.10 -10.56
C ARG A 143 -1.76 -15.83 -9.49
N PRO A 144 -0.45 -16.04 -9.74
CA PRO A 144 0.29 -16.68 -8.64
C PRO A 144 0.48 -15.80 -7.40
N LEU A 145 0.48 -14.47 -7.54
CA LEU A 145 0.60 -13.64 -6.36
C LEU A 145 -0.60 -13.85 -5.45
N SER A 146 -1.78 -14.10 -6.03
CA SER A 146 -2.99 -14.29 -5.22
CA SER A 146 -2.98 -14.30 -5.23
C SER A 146 -2.82 -15.46 -4.25
N ALA A 147 -2.13 -16.52 -4.68
CA ALA A 147 -1.86 -17.65 -3.79
C ALA A 147 -0.92 -17.25 -2.64
N VAL A 148 0.13 -16.48 -2.95
CA VAL A 148 1.09 -15.99 -1.96
C VAL A 148 0.38 -15.08 -0.94
N LEU A 149 -0.48 -14.19 -1.44
CA LEU A 149 -1.22 -13.30 -0.53
C LEU A 149 -2.17 -14.06 0.40
N ALA A 150 -2.77 -15.13 -0.12
CA ALA A 150 -3.67 -15.95 0.71
C ALA A 150 -2.92 -16.49 1.93
N HIS A 151 -1.73 -17.01 1.68
CA HIS A 151 -0.90 -17.55 2.76
C HIS A 151 -0.48 -16.47 3.76
N MET A 152 -0.12 -15.30 3.25
CA MET A 152 0.27 -14.21 4.12
C MET A 152 -0.90 -13.80 5.01
N GLU A 153 -2.08 -13.66 4.41
CA GLU A 153 -3.28 -13.26 5.17
C GLU A 153 -3.59 -14.28 6.24
N ALA A 154 -3.52 -15.55 5.89
CA ALA A 154 -3.92 -16.61 6.80
C ALA A 154 -2.87 -16.78 7.91
N THR A 155 -1.64 -16.36 7.65
CA THR A 155 -0.57 -16.54 8.63
C THR A 155 -0.65 -15.47 9.73
N GLY A 156 -0.85 -14.23 9.32
CA GLY A 156 -0.97 -13.13 10.28
C GLY A 156 0.36 -12.76 10.92
N VAL A 157 0.33 -11.85 11.87
CA VAL A 157 1.55 -11.39 12.53
C VAL A 157 1.34 -11.28 14.03
N ARG A 158 2.35 -11.64 14.82
CA ARG A 158 2.25 -11.63 16.26
C ARG A 158 2.35 -10.21 16.82
N LEU A 159 1.50 -9.90 17.78
CA LEU A 159 1.49 -8.58 18.41
C LEU A 159 1.60 -8.72 19.93
N ASP A 160 2.43 -7.88 20.56
CA ASP A 160 2.54 -7.86 22.02
C ASP A 160 1.36 -7.12 22.66
N VAL A 161 0.29 -7.85 22.94
CA VAL A 161 -0.96 -7.25 23.42
C VAL A 161 -0.81 -6.59 24.80
N ALA A 162 -0.15 -7.27 25.73
CA ALA A 162 0.00 -6.76 27.08
C ALA A 162 0.71 -5.41 27.05
N TYR A 163 1.72 -5.31 26.19
CA TYR A 163 2.53 -4.12 26.06
C TYR A 163 1.68 -2.95 25.57
N LEU A 164 0.85 -3.19 24.56
CA LEU A 164 -0.04 -2.16 24.03
C LEU A 164 -1.09 -1.73 25.05
N ARG A 165 -1.64 -2.68 25.81
CA ARG A 165 -2.60 -2.33 26.85
C ARG A 165 -1.97 -1.36 27.84
N ALA A 166 -0.75 -1.68 28.26
CA ALA A 166 -0.04 -0.84 29.22
C ALA A 166 0.25 0.52 28.59
N LEU A 167 0.63 0.51 27.32
CA LEU A 167 0.94 1.75 26.63
C LEU A 167 -0.31 2.67 26.55
N SER A 168 -1.48 2.08 26.35
CA SER A 168 -2.72 2.87 26.29
C SER A 168 -2.95 3.69 27.55
N LEU A 169 -2.66 3.09 28.70
CA LEU A 169 -2.88 3.74 29.99
C LEU A 169 -1.94 4.94 30.17
N GLU A 170 -0.68 4.74 29.80
CA GLU A 170 0.33 5.79 29.82
C GLU A 170 -0.07 6.96 28.91
N VAL A 171 -0.46 6.65 27.68
CA VAL A 171 -0.82 7.69 26.71
C VAL A 171 -2.09 8.46 27.12
N ALA A 172 -3.06 7.74 27.67
CA ALA A 172 -4.27 8.39 28.19
C ALA A 172 -3.92 9.49 29.21
N GLU A 173 -3.00 9.19 30.12
CA GLU A 173 -2.62 10.18 31.13
C GLU A 173 -1.98 11.42 30.48
N GLU A 174 -1.09 11.19 29.50
CA GLU A 174 -0.45 12.32 28.80
C GLU A 174 -1.48 13.15 28.02
N ILE A 175 -2.45 12.48 27.41
CA ILE A 175 -3.51 13.18 26.69
C ILE A 175 -4.30 14.09 27.65
N ALA A 176 -4.58 13.59 28.86
CA ALA A 176 -5.32 14.37 29.86
C ALA A 176 -4.53 15.63 30.23
N ARG A 177 -3.21 15.50 30.32
CA ARG A 177 -2.38 16.66 30.68
C ARG A 177 -2.40 17.75 29.59
N LEU A 178 -2.29 17.32 28.32
CA LEU A 178 -2.38 18.23 27.18
C LEU A 178 -3.75 18.89 27.06
N GLU A 179 -4.80 18.10 27.25
CA GLU A 179 -6.19 18.55 27.12
C GLU A 179 -6.46 19.64 28.15
N ALA A 180 -6.01 19.39 29.38
CA ALA A 180 -6.22 20.33 30.49
C ALA A 180 -5.56 21.67 30.20
N GLU A 181 -4.37 21.62 29.62
CA GLU A 181 -3.61 22.83 29.35
C GLU A 181 -4.25 23.63 28.21
N VAL A 182 -4.73 22.93 27.19
CA VAL A 182 -5.38 23.58 26.06
C VAL A 182 -6.61 24.37 26.52
N PHE A 183 -7.41 23.73 27.37
CA PHE A 183 -8.64 24.32 27.89
C PHE A 183 -8.34 25.53 28.74
N ARG A 184 -7.31 25.41 29.58
CA ARG A 184 -6.86 26.52 30.39
C ARG A 184 -6.49 27.69 29.48
N LEU A 185 -5.77 27.41 28.40
CA LEU A 185 -5.35 28.47 27.47
C LEU A 185 -6.51 29.03 26.64
N ALA A 186 -7.52 28.21 26.40
CA ALA A 186 -8.71 28.63 25.67
C ALA A 186 -9.66 29.40 26.59
N GLY A 187 -9.51 29.18 27.89
CA GLY A 187 -10.38 29.81 28.87
C GLY A 187 -11.70 29.09 29.06
N HIS A 188 -11.86 27.95 28.39
CA HIS A 188 -13.04 27.11 28.57
C HIS A 188 -12.78 25.75 27.93
N PRO A 189 -13.53 24.71 28.37
CA PRO A 189 -13.45 23.40 27.71
C PRO A 189 -14.29 23.36 26.43
N PHE A 190 -13.91 22.49 25.49
CA PHE A 190 -14.66 22.24 24.27
C PHE A 190 -14.21 20.88 23.77
N ASN A 191 -14.80 20.38 22.68
CA ASN A 191 -14.34 19.11 22.14
C ASN A 191 -13.10 19.33 21.29
N LEU A 192 -11.94 18.98 21.83
CA LEU A 192 -10.69 19.22 21.14
C LEU A 192 -10.52 18.29 19.91
N ASN A 193 -11.30 17.22 19.88
CA ASN A 193 -11.37 16.33 18.71
C ASN A 193 -12.19 16.90 17.55
N SER A 194 -12.93 17.96 17.79
CA SER A 194 -13.77 18.54 16.75
C SER A 194 -13.04 19.71 16.11
N ARG A 195 -12.69 19.57 14.84
CA ARG A 195 -11.97 20.64 14.16
C ARG A 195 -12.84 21.89 14.00
N ASP A 196 -14.16 21.71 13.95
CA ASP A 196 -15.07 22.85 13.81
C ASP A 196 -15.05 23.67 15.11
N GLN A 197 -15.04 22.98 16.25
CA GLN A 197 -14.99 23.66 17.53
C GLN A 197 -13.64 24.35 17.73
N LEU A 198 -12.56 23.64 17.39
CA LEU A 198 -11.23 24.23 17.44
C LEU A 198 -11.06 25.46 16.52
N GLU A 199 -11.63 25.40 15.32
CA GLU A 199 -11.56 26.53 14.37
C GLU A 199 -12.10 27.80 15.01
N ARG A 200 -13.21 27.66 15.72
CA ARG A 200 -13.82 28.80 16.40
C ARG A 200 -12.97 29.36 17.55
N VAL A 201 -12.33 28.48 18.30
CA VAL A 201 -11.46 28.92 19.37
C VAL A 201 -10.23 29.66 18.84
N LEU A 202 -9.58 29.09 17.83
CA LEU A 202 -8.35 29.68 17.32
C LEU A 202 -8.58 30.99 16.59
N PHE A 203 -9.54 30.98 15.67
CA PHE A 203 -9.68 32.10 14.74
C PHE A 203 -10.71 33.12 15.17
N ASP A 204 -11.71 32.70 15.94
CA ASP A 204 -12.73 33.64 16.42
C ASP A 204 -12.48 34.14 17.83
N GLU A 205 -12.00 33.28 18.71
CA GLU A 205 -11.84 33.66 20.12
C GLU A 205 -10.43 34.15 20.45
N LEU A 206 -9.41 33.44 19.98
CA LEU A 206 -8.05 33.89 20.25
C LEU A 206 -7.56 34.86 19.17
N GLY A 207 -8.28 34.90 18.06
CA GLY A 207 -7.99 35.86 17.01
C GLY A 207 -6.71 35.63 16.21
N LEU A 208 -6.28 34.37 16.11
CA LEU A 208 -5.11 34.03 15.31
C LEU A 208 -5.43 34.24 13.83
N PRO A 209 -4.40 34.47 13.00
CA PRO A 209 -4.72 34.63 11.57
C PRO A 209 -5.02 33.28 10.94
N ALA A 210 -6.11 33.19 10.17
CA ALA A 210 -6.40 31.98 9.42
C ALA A 210 -5.52 31.94 8.17
N ILE A 211 -4.78 30.85 8.00
CA ILE A 211 -3.82 30.76 6.90
C ILE A 211 -4.46 30.20 5.64
N GLY A 212 -5.25 29.14 5.79
CA GLY A 212 -5.82 28.44 4.66
C GLY A 212 -7.25 27.98 4.84
N LYS A 213 -7.85 27.54 3.74
CA LYS A 213 -9.23 27.10 3.72
C LYS A 213 -9.29 25.62 3.34
N THR A 214 -10.34 24.93 3.78
CA THR A 214 -10.48 23.50 3.46
C THR A 214 -11.10 23.29 2.08
N GLU A 215 -10.87 22.12 1.48
CA GLU A 215 -11.19 21.90 0.08
C GLU A 215 -12.67 21.99 -0.27
N LYS A 216 -13.47 21.11 0.32
CA LYS A 216 -14.86 20.94 -0.08
C LYS A 216 -15.83 21.97 0.49
N THR A 217 -15.57 22.43 1.72
CA THR A 217 -16.53 23.27 2.40
C THR A 217 -16.03 24.67 2.71
N GLY A 218 -14.76 24.93 2.45
CA GLY A 218 -14.23 26.28 2.62
C GLY A 218 -14.16 26.76 4.06
N LYS A 219 -13.99 25.86 5.02
CA LYS A 219 -13.79 26.29 6.40
C LYS A 219 -12.34 26.72 6.60
N ARG A 220 -12.07 27.48 7.66
CA ARG A 220 -10.68 27.83 7.96
C ARG A 220 -9.96 26.57 8.48
N SER A 221 -8.85 26.22 7.85
CA SER A 221 -8.17 24.95 8.14
C SER A 221 -7.41 24.97 9.48
N THR A 222 -7.42 23.83 10.17
CA THR A 222 -6.66 23.66 11.40
C THR A 222 -5.65 22.53 11.22
N SER A 223 -5.26 22.27 9.97
CA SER A 223 -4.34 21.16 9.69
C SER A 223 -2.96 21.42 10.30
N ALA A 224 -2.14 20.39 10.35
CA ALA A 224 -0.80 20.48 10.95
C ALA A 224 0.04 21.56 10.28
N ALA A 225 -0.05 21.64 8.96
CA ALA A 225 0.70 22.62 8.17
C ALA A 225 0.36 24.04 8.61
N VAL A 226 -0.92 24.29 8.88
CA VAL A 226 -1.37 25.59 9.36
C VAL A 226 -0.88 25.86 10.78
N LEU A 227 -1.06 24.88 11.67
CA LEU A 227 -0.64 25.03 13.06
C LEU A 227 0.87 25.23 13.18
N GLU A 228 1.64 24.53 12.35
CA GLU A 228 3.09 24.72 12.34
C GLU A 228 3.44 26.17 12.01
N ALA A 229 2.71 26.76 11.08
CA ALA A 229 2.95 28.13 10.67
C ALA A 229 2.64 29.12 11.79
N LEU A 230 1.87 28.67 12.78
CA LEU A 230 1.38 29.52 13.84
C LEU A 230 1.98 29.19 15.22
N ARG A 231 2.97 28.31 15.26
CA ARG A 231 3.50 27.86 16.55
C ARG A 231 4.15 28.95 17.39
N GLU A 232 4.48 30.09 16.76
CA GLU A 232 5.07 31.21 17.46
C GLU A 232 4.00 32.22 17.89
N ALA A 233 2.78 32.05 17.38
CA ALA A 233 1.74 33.05 17.56
C ALA A 233 0.99 32.93 18.89
N HIS A 234 1.01 31.73 19.49
CA HIS A 234 0.28 31.49 20.72
C HIS A 234 0.70 30.13 21.28
N PRO A 235 0.93 30.06 22.60
CA PRO A 235 1.39 28.80 23.22
C PRO A 235 0.39 27.64 23.08
N ILE A 236 -0.89 27.94 22.83
CA ILE A 236 -1.87 26.86 22.69
C ILE A 236 -1.58 25.98 21.47
N VAL A 237 -0.92 26.55 20.46
CA VAL A 237 -0.76 25.83 19.20
C VAL A 237 0.13 24.60 19.31
N GLU A 238 1.26 24.71 20.00
CA GLU A 238 2.11 23.53 20.15
C GLU A 238 1.44 22.45 20.98
N LYS A 239 0.62 22.86 21.94
CA LYS A 239 -0.12 21.93 22.79
C LYS A 239 -1.13 21.16 21.97
N ILE A 240 -1.75 21.86 21.02
CA ILE A 240 -2.71 21.23 20.13
C ILE A 240 -2.02 20.20 19.21
N LEU A 241 -0.85 20.56 18.68
CA LEU A 241 -0.09 19.64 17.83
C LEU A 241 0.31 18.36 18.57
N GLN A 242 0.67 18.50 19.84
CA GLN A 242 1.04 17.33 20.62
C GLN A 242 -0.20 16.50 20.90
N TYR A 243 -1.31 17.18 21.16
CA TYR A 243 -2.56 16.47 21.39
C TYR A 243 -2.95 15.64 20.15
N ARG A 244 -2.80 16.23 18.96
CA ARG A 244 -3.18 15.56 17.72
C ARG A 244 -2.34 14.30 17.53
N GLU A 245 -1.04 14.45 17.70
CA GLU A 245 -0.11 13.32 17.57
C GLU A 245 -0.51 12.14 18.46
N LEU A 246 -0.76 12.41 19.74
CA LEU A 246 -1.06 11.32 20.67
C LEU A 246 -2.42 10.68 20.41
N THR A 247 -3.44 11.49 20.12
CA THR A 247 -4.77 10.93 19.95
C THR A 247 -4.87 10.17 18.64
N LYS A 248 -4.16 10.63 17.62
CA LYS A 248 -4.15 9.93 16.33
C LYS A 248 -3.57 8.53 16.57
N LEU A 249 -2.46 8.45 17.30
CA LEU A 249 -1.79 7.18 17.51
C LEU A 249 -2.59 6.25 18.42
N LYS A 250 -3.19 6.81 19.47
CA LYS A 250 -4.01 6.03 20.38
C LYS A 250 -5.28 5.51 19.72
N SER A 251 -6.00 6.38 19.02
CA SER A 251 -7.26 6.01 18.38
CA SER A 251 -7.26 6.01 18.38
C SER A 251 -7.08 5.05 17.19
N THR A 252 -5.97 5.16 16.49
CA THR A 252 -5.83 4.39 15.27
C THR A 252 -5.05 3.08 15.47
N TYR A 253 -4.13 3.07 16.43
CA TYR A 253 -3.27 1.89 16.58
C TYR A 253 -3.33 1.24 17.95
N ILE A 254 -3.03 2.04 18.98
CA ILE A 254 -2.83 1.50 20.31
C ILE A 254 -4.11 0.84 20.83
N ASP A 255 -5.24 1.49 20.60
CA ASP A 255 -6.50 0.95 21.12
C ASP A 255 -7.18 -0.13 20.26
N PRO A 256 -7.28 0.07 18.93
CA PRO A 256 -7.96 -0.97 18.13
C PRO A 256 -7.16 -2.25 17.95
N LEU A 257 -5.85 -2.17 17.77
CA LEU A 257 -5.03 -3.36 17.44
C LEU A 257 -5.21 -4.58 18.37
N PRO A 258 -5.09 -4.41 19.69
CA PRO A 258 -5.20 -5.60 20.54
C PRO A 258 -6.57 -6.30 20.46
N ASP A 259 -7.61 -5.57 20.07
CA ASP A 259 -8.94 -6.18 19.94
C ASP A 259 -9.10 -7.00 18.65
N LEU A 260 -8.09 -6.99 17.78
CA LEU A 260 -8.23 -7.65 16.48
C LEU A 260 -7.47 -8.97 16.42
N ILE A 261 -6.97 -9.41 17.57
CA ILE A 261 -6.24 -10.67 17.63
C ILE A 261 -7.20 -11.83 17.40
N HIS A 262 -6.82 -12.74 16.50
CA HIS A 262 -7.70 -13.84 16.18
C HIS A 262 -7.59 -14.91 17.27
N PRO A 263 -8.74 -15.41 17.76
CA PRO A 263 -8.79 -16.42 18.83
C PRO A 263 -8.10 -17.72 18.45
N ARG A 264 -8.20 -18.14 17.20
CA ARG A 264 -7.57 -19.38 16.76
C ARG A 264 -6.06 -19.25 16.59
N THR A 265 -5.60 -18.19 15.94
CA THR A 265 -4.18 -18.05 15.63
C THR A 265 -3.40 -17.33 16.73
N GLY A 266 -4.09 -16.51 17.52
CA GLY A 266 -3.40 -15.60 18.41
C GLY A 266 -2.60 -14.54 17.67
N ARG A 267 -2.95 -14.29 16.42
CA ARG A 267 -2.24 -13.28 15.62
C ARG A 267 -3.17 -12.28 14.97
N LEU A 268 -2.59 -11.22 14.44
CA LEU A 268 -3.31 -10.14 13.77
C LEU A 268 -3.32 -10.41 12.25
N HIS A 269 -4.50 -10.38 11.63
CA HIS A 269 -4.61 -10.71 10.21
C HIS A 269 -5.18 -9.57 9.37
N THR A 270 -4.38 -9.10 8.42
CA THR A 270 -4.77 -8.01 7.52
C THR A 270 -5.28 -8.60 6.23
N ARG A 271 -5.91 -7.77 5.40
CA ARG A 271 -6.27 -8.17 4.05
C ARG A 271 -5.34 -7.46 3.07
N PHE A 272 -4.77 -8.22 2.14
CA PHE A 272 -3.97 -7.60 1.08
C PHE A 272 -4.80 -7.47 -0.18
N ASN A 273 -5.24 -6.25 -0.48
CA ASN A 273 -6.12 -6.01 -1.61
C ASN A 273 -5.35 -5.90 -2.92
N GLN A 274 -5.69 -6.79 -3.84
CA GLN A 274 -4.96 -6.91 -5.08
C GLN A 274 -5.53 -6.07 -6.22
N THR A 275 -6.75 -5.56 -6.08
CA THR A 275 -7.32 -4.77 -7.17
C THR A 275 -7.86 -3.48 -6.62
N ALA A 276 -7.01 -2.70 -5.96
CA ALA A 276 -7.46 -1.58 -5.15
C ALA A 276 -6.88 -0.25 -5.59
N THR A 277 -5.76 -0.27 -6.31
CA THR A 277 -5.09 1.00 -6.62
C THR A 277 -4.98 1.26 -8.11
N ALA A 278 -4.82 2.54 -8.45
CA ALA A 278 -4.69 2.98 -9.83
C ALA A 278 -3.34 2.62 -10.44
N THR A 279 -2.36 2.29 -9.60
CA THR A 279 -1.00 2.11 -10.14
C THR A 279 -0.50 0.67 -10.14
N GLY A 280 -1.25 -0.24 -9.52
CA GLY A 280 -0.82 -1.62 -9.42
C GLY A 280 -0.15 -1.95 -8.08
N ARG A 281 -0.03 -0.98 -7.19
CA ARG A 281 0.31 -1.32 -5.82
C ARG A 281 -0.80 -2.13 -5.16
N LEU A 282 -0.40 -2.92 -4.17
CA LEU A 282 -1.33 -3.56 -3.23
C LEU A 282 -1.80 -2.50 -2.23
N SER A 283 -2.96 -2.75 -1.61
CA SER A 283 -3.28 -2.06 -0.36
C SER A 283 -3.56 -3.06 0.73
N SER A 284 -3.62 -2.55 1.97
CA SER A 284 -3.79 -3.38 3.14
C SER A 284 -4.93 -2.77 3.96
N SER A 285 -5.82 -3.61 4.45
CA SER A 285 -6.96 -3.08 5.19
C SER A 285 -7.51 -4.07 6.21
N ASP A 286 -8.22 -3.52 7.20
CA ASP A 286 -8.94 -4.31 8.20
C ASP A 286 -8.09 -5.29 9.01
N PRO A 287 -7.02 -4.84 9.66
CA PRO A 287 -6.50 -3.47 9.79
C PRO A 287 -5.48 -3.17 8.70
N ASN A 288 -5.28 -1.90 8.38
CA ASN A 288 -4.21 -1.52 7.46
C ASN A 288 -2.89 -1.68 8.20
N LEU A 289 -2.00 -2.54 7.70
CA LEU A 289 -0.70 -2.74 8.34
C LEU A 289 0.43 -2.13 7.52
N GLN A 290 0.09 -1.38 6.48
CA GLN A 290 1.10 -0.70 5.70
C GLN A 290 1.33 0.75 6.15
N ASN A 291 0.60 1.17 7.18
CA ASN A 291 0.83 2.52 7.72
C ASN A 291 1.09 2.55 9.23
N ILE A 292 1.69 1.48 9.75
CA ILE A 292 2.07 1.43 11.15
C ILE A 292 3.12 2.50 11.41
N PRO A 293 2.95 3.27 12.51
CA PRO A 293 3.84 4.39 12.85
C PRO A 293 5.28 3.98 13.04
N VAL A 294 6.19 4.91 12.74
CA VAL A 294 7.61 4.64 12.86
C VAL A 294 8.39 5.95 13.06
N ARG A 295 7.77 7.08 12.71
CA ARG A 295 8.46 8.38 12.76
CA ARG A 295 8.47 8.37 12.75
C ARG A 295 8.77 8.87 14.17
N THR A 296 7.73 9.10 14.97
CA THR A 296 7.90 9.72 16.29
C THR A 296 8.33 8.72 17.36
N PRO A 297 8.74 9.22 18.55
CA PRO A 297 9.07 8.34 19.68
C PRO A 297 7.93 7.41 20.10
N LEU A 298 6.70 7.91 20.14
CA LEU A 298 5.56 7.06 20.46
C LEU A 298 5.28 6.10 19.30
N GLY A 299 5.43 6.59 18.07
CA GLY A 299 5.27 5.77 16.89
C GLY A 299 6.23 4.58 16.92
N GLN A 300 7.45 4.83 17.40
CA GLN A 300 8.43 3.75 17.44
C GLN A 300 8.07 2.69 18.49
N ARG A 301 7.49 3.13 19.60
CA ARG A 301 7.04 2.22 20.64
C ARG A 301 5.91 1.33 20.14
N ILE A 302 5.09 1.83 19.22
CA ILE A 302 4.03 1.00 18.64
C ILE A 302 4.61 -0.03 17.68
N ARG A 303 5.57 0.42 16.86
CA ARG A 303 6.26 -0.43 15.91
C ARG A 303 6.94 -1.62 16.64
N ARG A 304 7.43 -1.40 17.86
CA ARG A 304 8.00 -2.49 18.68
C ARG A 304 7.00 -3.57 19.12
N ALA A 305 5.71 -3.28 19.05
CA ALA A 305 4.71 -4.27 19.47
C ALA A 305 4.58 -5.43 18.46
N PHE A 306 5.10 -5.23 17.27
CA PHE A 306 5.04 -6.28 16.24
C PHE A 306 6.27 -7.16 16.36
N ILE A 307 6.04 -8.41 16.75
CA ILE A 307 7.15 -9.27 17.15
C ILE A 307 7.12 -10.62 16.45
N ALA A 308 8.26 -11.30 16.49
CA ALA A 308 8.36 -12.67 15.96
C ALA A 308 7.77 -13.68 16.95
N GLU A 309 7.34 -14.82 16.43
CA GLU A 309 7.00 -15.96 17.26
C GLU A 309 8.23 -16.29 18.09
N GLU A 310 8.04 -16.77 19.31
CA GLU A 310 9.21 -17.14 20.11
C GLU A 310 10.04 -18.22 19.42
N GLY A 311 11.35 -18.02 19.39
CA GLY A 311 12.25 -18.91 18.68
C GLY A 311 12.46 -18.51 17.22
N TRP A 312 11.76 -17.46 16.79
CA TRP A 312 11.91 -16.97 15.44
C TRP A 312 12.44 -15.53 15.44
N LEU A 313 12.82 -15.03 14.27
CA LEU A 313 13.23 -13.65 14.11
C LEU A 313 12.49 -13.04 12.91
N LEU A 314 12.29 -11.74 12.94
CA LEU A 314 11.81 -11.05 11.76
C LEU A 314 12.97 -10.69 10.87
N VAL A 315 12.73 -10.74 9.57
CA VAL A 315 13.69 -10.27 8.61
C VAL A 315 13.01 -9.20 7.74
N ALA A 316 13.58 -8.01 7.71
CA ALA A 316 13.02 -6.88 6.99
C ALA A 316 13.89 -6.53 5.78
N LEU A 317 13.27 -6.52 4.60
CA LEU A 317 13.98 -6.24 3.36
C LEU A 317 13.38 -5.00 2.67
N ASP A 318 14.23 -4.08 2.23
CA ASP A 318 13.80 -2.77 1.70
C ASP A 318 14.62 -2.39 0.48
N TYR A 319 13.99 -2.27 -0.69
CA TYR A 319 14.68 -1.76 -1.88
C TYR A 319 15.18 -0.33 -1.68
N SER A 320 16.45 -0.08 -1.95
CA SER A 320 17.03 1.25 -1.78
C SER A 320 16.79 2.15 -2.99
N GLN A 321 16.40 3.40 -2.73
CA GLN A 321 16.14 4.40 -3.77
C GLN A 321 15.35 3.82 -4.95
N ILE A 322 14.31 3.05 -4.65
CA ILE A 322 13.66 2.24 -5.69
C ILE A 322 13.08 3.07 -6.85
N GLU A 323 12.39 4.15 -6.57
CA GLU A 323 11.75 4.86 -7.67
C GLU A 323 12.74 5.59 -8.57
N LEU A 324 13.81 6.11 -7.99
CA LEU A 324 14.86 6.76 -8.75
C LEU A 324 15.56 5.77 -9.68
N ARG A 325 15.81 4.56 -9.16
CA ARG A 325 16.43 3.52 -9.97
C ARG A 325 15.52 3.13 -11.13
N VAL A 326 14.22 2.97 -10.84
CA VAL A 326 13.24 2.66 -11.87
C VAL A 326 13.20 3.77 -12.93
N LEU A 327 13.21 5.03 -12.47
CA LEU A 327 13.22 6.18 -13.37
C LEU A 327 14.44 6.14 -14.31
N ALA A 328 15.60 5.80 -13.76
CA ALA A 328 16.82 5.72 -14.57
C ALA A 328 16.64 4.76 -15.73
N HIS A 329 16.04 3.60 -15.45
CA HIS A 329 15.80 2.58 -16.46
C HIS A 329 14.78 3.02 -17.51
N LEU A 330 13.65 3.55 -17.05
CA LEU A 330 12.59 3.98 -17.96
C LEU A 330 13.03 5.14 -18.85
N SER A 331 13.76 6.09 -18.28
CA SER A 331 14.15 7.30 -19.02
C SER A 331 15.35 7.01 -19.90
N GLY A 332 16.21 6.11 -19.43
CA GLY A 332 17.45 5.83 -20.12
C GLY A 332 18.43 6.97 -19.98
N ASP A 333 18.23 7.80 -18.96
CA ASP A 333 19.12 8.95 -18.76
C ASP A 333 20.49 8.49 -18.32
N GLU A 334 21.48 8.79 -19.14
CA GLU A 334 22.85 8.35 -18.92
C GLU A 334 23.42 8.83 -17.58
N ASN A 335 23.12 10.07 -17.22
CA ASN A 335 23.62 10.65 -15.97
C ASN A 335 23.07 9.98 -14.73
N LEU A 336 21.76 9.76 -14.73
CA LEU A 336 21.09 9.10 -13.62
C LEU A 336 21.56 7.66 -13.50
N ILE A 337 21.72 7.01 -14.65
CA ILE A 337 22.19 5.63 -14.70
C ILE A 337 23.59 5.56 -14.09
N ARG A 338 24.42 6.53 -14.42
CA ARG A 338 25.80 6.57 -13.96
C ARG A 338 25.87 6.79 -12.45
N VAL A 339 24.91 7.55 -11.92
CA VAL A 339 24.80 7.78 -10.49
C VAL A 339 24.72 6.47 -9.68
N PHE A 340 23.95 5.51 -10.19
CA PHE A 340 23.73 4.28 -9.46
C PHE A 340 24.81 3.25 -9.71
N GLN A 341 25.44 3.31 -10.89
CA GLN A 341 26.54 2.42 -11.21
C GLN A 341 27.78 2.78 -10.40
N GLU A 342 27.81 4.03 -9.93
CA GLU A 342 28.94 4.54 -9.15
C GLU A 342 28.72 4.31 -7.66
N GLY A 343 27.48 4.03 -7.28
CA GLY A 343 27.14 3.78 -5.89
C GLY A 343 26.76 5.03 -5.11
N ARG A 344 26.24 6.03 -5.82
CA ARG A 344 25.88 7.30 -5.21
C ARG A 344 24.47 7.29 -4.59
N ASP A 345 24.22 8.27 -3.73
CA ASP A 345 22.92 8.41 -3.09
C ASP A 345 22.36 9.81 -3.30
N ILE A 346 21.27 9.90 -4.06
CA ILE A 346 20.66 11.19 -4.37
C ILE A 346 19.99 11.83 -3.15
N HIS A 347 19.35 11.02 -2.32
CA HIS A 347 18.72 11.53 -1.09
C HIS A 347 19.76 12.17 -0.19
N THR A 348 20.86 11.46 0.05
CA THR A 348 21.97 11.98 0.83
C THR A 348 22.53 13.24 0.19
N GLU A 349 22.63 13.23 -1.14
CA GLU A 349 23.21 14.36 -1.86
C GLU A 349 22.32 15.60 -1.79
N THR A 350 21.00 15.41 -1.80
CA THR A 350 20.07 16.51 -1.65
C THR A 350 20.08 17.03 -0.22
N ALA A 351 20.16 16.11 0.74
CA ALA A 351 20.25 16.46 2.15
C ALA A 351 21.50 17.28 2.46
N SER A 352 22.54 17.10 1.65
CA SER A 352 23.76 17.89 1.80
C SER A 352 23.48 19.34 1.47
N TRP A 353 22.77 19.55 0.35
CA TRP A 353 22.36 20.87 -0.10
C TRP A 353 21.44 21.55 0.92
N MET A 354 20.45 20.79 1.39
CA MET A 354 19.43 21.32 2.29
C MET A 354 19.98 21.82 3.63
N PHE A 355 20.83 21.01 4.24
CA PHE A 355 21.29 21.30 5.60
C PHE A 355 22.67 21.95 5.64
N GLY A 356 23.30 22.09 4.47
CA GLY A 356 24.63 22.67 4.42
C GLY A 356 25.65 21.77 5.09
N VAL A 357 25.87 20.61 4.47
CA VAL A 357 26.75 19.58 5.01
C VAL A 357 27.47 18.96 3.81
N PRO A 358 28.78 18.67 3.95
CA PRO A 358 29.58 18.12 2.85
C PRO A 358 28.90 16.96 2.11
N ARG A 359 28.79 15.83 2.79
CA ARG A 359 28.15 14.63 2.25
C ARG A 359 28.30 13.59 3.34
N GLU A 360 29.40 13.71 4.07
CA GLU A 360 29.67 12.94 5.28
C GLU A 360 28.84 13.54 6.40
N ALA A 361 28.64 12.75 7.46
CA ALA A 361 27.92 13.21 8.65
C ALA A 361 26.48 13.64 8.36
N VAL A 362 25.90 13.13 7.27
CA VAL A 362 24.48 13.30 7.02
C VAL A 362 23.73 12.21 7.77
N ASP A 363 23.15 12.58 8.91
CA ASP A 363 22.42 11.63 9.73
C ASP A 363 21.20 11.08 8.99
N PRO A 364 20.71 9.89 9.40
CA PRO A 364 19.53 9.28 8.77
C PRO A 364 18.33 10.23 8.70
N LEU A 365 18.18 11.08 9.69
CA LEU A 365 17.07 12.02 9.76
C LEU A 365 17.12 13.05 8.64
N MET A 366 18.32 13.58 8.39
CA MET A 366 18.52 14.56 7.32
C MET A 366 18.15 13.95 5.98
N ARG A 367 18.63 12.73 5.76
CA ARG A 367 18.38 12.01 4.52
C ARG A 367 16.88 11.87 4.27
N ARG A 368 16.14 11.48 5.29
CA ARG A 368 14.69 11.27 5.19
C ARG A 368 13.92 12.54 4.87
N ALA A 369 14.42 13.68 5.36
CA ALA A 369 13.80 14.95 5.08
C ALA A 369 13.93 15.24 3.58
N ALA A 370 15.07 14.84 3.02
CA ALA A 370 15.37 15.05 1.60
C ALA A 370 14.49 14.21 0.69
N LYS A 371 13.97 13.09 1.21
CA LYS A 371 13.10 12.21 0.43
C LYS A 371 11.87 12.94 -0.10
N THR A 372 11.18 13.65 0.79
CA THR A 372 9.97 14.36 0.40
C THR A 372 10.32 15.41 -0.66
N ILE A 373 11.50 15.99 -0.53
CA ILE A 373 11.97 16.98 -1.49
C ILE A 373 12.23 16.37 -2.86
N ASN A 374 12.97 15.26 -2.89
CA ASN A 374 13.26 14.60 -4.15
C ASN A 374 12.02 14.06 -4.86
N PHE A 375 11.15 13.40 -4.11
CA PHE A 375 9.90 12.88 -4.68
C PHE A 375 8.97 14.04 -5.09
N GLY A 376 8.84 15.01 -4.20
CA GLY A 376 8.01 16.18 -4.46
C GLY A 376 8.40 16.86 -5.75
N VAL A 377 9.67 17.22 -5.87
CA VAL A 377 10.15 17.93 -7.05
C VAL A 377 10.02 17.08 -8.32
N LEU A 378 10.41 15.81 -8.23
CA LEU A 378 10.35 14.92 -9.38
C LEU A 378 8.94 14.87 -9.97
N TYR A 379 7.94 14.80 -9.10
CA TYR A 379 6.56 14.63 -9.55
C TYR A 379 5.76 15.92 -9.67
N GLY A 380 6.45 17.05 -9.73
CA GLY A 380 5.81 18.27 -10.16
C GLY A 380 5.40 19.25 -9.08
N MET A 381 6.00 19.15 -7.90
CA MET A 381 5.80 20.13 -6.85
C MET A 381 6.13 21.53 -7.34
N SER A 382 5.27 22.49 -7.05
CA SER A 382 5.45 23.85 -7.54
C SER A 382 6.63 24.49 -6.83
N ALA A 383 7.22 25.51 -7.45
CA ALA A 383 8.34 26.23 -6.85
C ALA A 383 7.91 26.96 -5.59
N HIS A 384 6.62 27.28 -5.48
CA HIS A 384 6.14 27.99 -4.30
C HIS A 384 6.07 27.06 -3.08
N ARG A 385 5.50 25.88 -3.27
CA ARG A 385 5.46 24.87 -2.21
C ARG A 385 6.87 24.53 -1.75
N LEU A 386 7.77 24.36 -2.71
CA LEU A 386 9.17 24.03 -2.41
C LEU A 386 9.85 25.14 -1.61
N SER A 387 9.62 26.40 -2.00
CA SER A 387 10.21 27.53 -1.28
C SER A 387 9.65 27.59 0.14
N GLN A 388 8.38 27.23 0.28
CA GLN A 388 7.73 27.24 1.59
C GLN A 388 8.25 26.10 2.46
N GLU A 389 8.50 24.96 1.83
CA GLU A 389 8.95 23.78 2.55
C GLU A 389 10.37 23.97 3.11
N LEU A 390 11.26 24.52 2.29
CA LEU A 390 12.65 24.68 2.67
C LEU A 390 12.95 26.01 3.34
N ALA A 391 11.91 26.84 3.47
CA ALA A 391 12.06 28.19 4.02
C ALA A 391 13.10 29.01 3.26
N ILE A 392 13.06 28.93 1.93
CA ILE A 392 14.00 29.62 1.08
C ILE A 392 13.26 30.59 0.15
N PRO A 393 13.96 31.61 -0.39
CA PRO A 393 13.33 32.51 -1.36
C PRO A 393 12.78 31.77 -2.57
N TYR A 394 11.85 32.39 -3.28
CA TYR A 394 11.16 31.74 -4.39
C TYR A 394 12.10 31.43 -5.55
N GLU A 395 12.98 32.38 -5.84
CA GLU A 395 13.90 32.25 -6.97
C GLU A 395 14.95 31.16 -6.75
N GLU A 396 15.26 30.88 -5.49
CA GLU A 396 16.21 29.80 -5.18
C GLU A 396 15.55 28.43 -5.35
N ALA A 397 14.22 28.41 -5.27
CA ALA A 397 13.46 27.17 -5.43
C ALA A 397 13.27 26.87 -6.91
N GLN A 398 12.92 27.90 -7.68
CA GLN A 398 12.73 27.77 -9.12
C GLN A 398 14.04 27.32 -9.75
N ALA A 399 15.14 27.86 -9.24
CA ALA A 399 16.47 27.47 -9.71
C ALA A 399 16.79 26.02 -9.36
N PHE A 400 16.47 25.62 -8.13
CA PHE A 400 16.74 24.25 -7.66
C PHE A 400 16.07 23.18 -8.52
N ILE A 401 14.86 23.45 -8.98
CA ILE A 401 14.13 22.51 -9.83
C ILE A 401 14.71 22.50 -11.23
N GLU A 402 15.14 23.68 -11.69
CA GLU A 402 15.79 23.81 -12.99
C GLU A 402 17.06 22.96 -13.00
N ARG A 403 17.79 22.95 -11.89
CA ARG A 403 19.05 22.21 -11.78
C ARG A 403 18.81 20.71 -11.69
N TYR A 404 17.77 20.34 -10.94
CA TYR A 404 17.32 18.97 -10.78
C TYR A 404 17.11 18.34 -12.16
N PHE A 405 16.33 19.02 -13.00
CA PHE A 405 16.04 18.54 -14.35
C PHE A 405 17.14 18.90 -15.34
N GLN A 406 18.11 19.69 -14.89
CA GLN A 406 19.29 19.98 -15.70
C GLN A 406 20.25 18.81 -15.59
N SER A 407 20.37 18.28 -14.37
CA SER A 407 21.23 17.14 -14.11
C SER A 407 20.82 15.90 -14.90
N PHE A 408 19.52 15.71 -15.11
CA PHE A 408 19.04 14.52 -15.77
C PHE A 408 18.09 14.83 -16.92
N PRO A 409 18.62 15.42 -17.99
CA PRO A 409 17.85 16.00 -19.11
C PRO A 409 16.89 15.01 -19.76
N LYS A 410 17.28 13.74 -19.83
CA LYS A 410 16.43 12.73 -20.47
C LYS A 410 15.18 12.40 -19.63
N VAL A 411 15.12 12.90 -18.41
CA VAL A 411 13.94 12.65 -17.57
C VAL A 411 12.77 13.49 -18.10
N ARG A 412 13.03 14.77 -18.36
CA ARG A 412 12.02 15.64 -18.95
C ARG A 412 11.51 15.04 -20.25
N ALA A 413 12.42 14.60 -21.10
CA ALA A 413 12.06 14.04 -22.40
C ALA A 413 11.20 12.80 -22.24
N TRP A 414 11.51 11.99 -21.24
CA TRP A 414 10.69 10.83 -20.93
C TRP A 414 9.31 11.29 -20.46
N ILE A 415 9.26 12.27 -19.57
CA ILE A 415 7.97 12.81 -19.11
C ILE A 415 7.11 13.29 -20.28
N GLU A 416 7.71 14.09 -21.16
CA GLU A 416 7.00 14.61 -22.34
C GLU A 416 6.50 13.47 -23.23
N LYS A 417 7.35 12.48 -23.45
CA LYS A 417 7.03 11.36 -24.32
C LYS A 417 5.86 10.57 -23.76
N THR A 418 5.89 10.36 -22.45
CA THR A 418 4.89 9.59 -21.74
C THR A 418 3.53 10.30 -21.81
N LEU A 419 3.54 11.61 -21.61
CA LEU A 419 2.30 12.40 -21.67
C LEU A 419 1.68 12.41 -23.08
N GLU A 420 2.53 12.46 -24.10
CA GLU A 420 2.04 12.42 -25.48
C GLU A 420 1.38 11.10 -25.83
N GLU A 421 2.02 9.99 -25.45
CA GLU A 421 1.42 8.67 -25.69
C GLU A 421 0.11 8.52 -24.90
N GLY A 422 0.10 9.06 -23.68
CA GLY A 422 -1.09 9.06 -22.86
C GLY A 422 -2.24 9.80 -23.53
N ARG A 423 -1.94 10.93 -24.15
CA ARG A 423 -2.98 11.70 -24.83
C ARG A 423 -3.45 10.95 -26.08
N ARG A 424 -2.52 10.38 -26.82
CA ARG A 424 -2.86 9.71 -28.05
C ARG A 424 -3.62 8.42 -27.81
N ARG A 425 -3.09 7.56 -26.94
CA ARG A 425 -3.69 6.24 -26.68
C ARG A 425 -4.75 6.23 -25.58
N GLY A 426 -4.74 7.23 -24.70
CA GLY A 426 -5.70 7.26 -23.61
C GLY A 426 -5.22 6.62 -22.31
N TYR A 427 -4.08 5.93 -22.38
CA TYR A 427 -3.50 5.32 -21.19
C TYR A 427 -1.99 5.42 -21.18
N VAL A 428 -1.41 5.22 -20.00
CA VAL A 428 0.04 5.14 -19.84
C VAL A 428 0.36 3.73 -19.34
N GLU A 429 1.63 3.32 -19.39
CA GLU A 429 2.01 1.93 -19.09
C GLU A 429 3.25 1.81 -18.22
N THR A 430 3.32 0.73 -17.44
CA THR A 430 4.54 0.39 -16.75
C THR A 430 5.50 -0.32 -17.71
N LEU A 431 6.69 -0.61 -17.21
CA LEU A 431 7.70 -1.37 -17.93
C LEU A 431 7.13 -2.70 -18.44
N PHE A 432 6.26 -3.32 -17.66
CA PHE A 432 5.70 -4.63 -18.04
C PHE A 432 4.36 -4.54 -18.77
N GLY A 433 3.91 -3.33 -19.09
CA GLY A 433 2.66 -3.17 -19.80
C GLY A 433 1.39 -3.04 -18.98
N ARG A 434 1.48 -2.94 -17.65
CA ARG A 434 0.32 -2.60 -16.84
C ARG A 434 -0.14 -1.20 -17.24
N ARG A 435 -1.44 -1.00 -17.45
CA ARG A 435 -1.90 0.30 -17.92
C ARG A 435 -2.82 1.03 -16.95
N ARG A 436 -2.86 2.34 -17.09
CA ARG A 436 -3.79 3.15 -16.33
C ARG A 436 -4.36 4.15 -17.33
N TYR A 437 -5.68 4.20 -17.45
CA TYR A 437 -6.33 5.17 -18.33
C TYR A 437 -6.41 6.54 -17.65
N VAL A 438 -5.94 7.58 -18.34
CA VAL A 438 -5.95 8.93 -17.78
C VAL A 438 -6.62 9.91 -18.75
N PRO A 439 -7.96 9.98 -18.69
CA PRO A 439 -8.73 10.76 -19.66
C PRO A 439 -8.57 12.28 -19.54
N ASP A 440 -8.16 12.79 -18.37
CA ASP A 440 -8.12 14.25 -18.22
C ASP A 440 -6.89 14.93 -18.81
N LEU A 441 -6.04 14.19 -19.53
CA LEU A 441 -4.85 14.76 -20.13
C LEU A 441 -5.14 15.85 -21.18
N GLU A 442 -6.35 15.85 -21.72
CA GLU A 442 -6.75 16.86 -22.68
C GLU A 442 -7.88 17.75 -22.15
N ALA A 443 -8.03 17.80 -20.83
CA ALA A 443 -8.98 18.71 -20.20
C ALA A 443 -8.62 20.15 -20.54
N ARG A 444 -9.65 21.00 -20.64
CA ARG A 444 -9.45 22.39 -21.01
C ARG A 444 -9.32 23.28 -19.78
N VAL A 445 -9.43 22.68 -18.60
CA VAL A 445 -9.17 23.39 -17.36
C VAL A 445 -7.75 23.05 -16.91
N LYS A 446 -6.93 24.08 -16.71
CA LYS A 446 -5.51 23.87 -16.47
C LYS A 446 -5.20 23.05 -15.21
N SER A 447 -5.79 23.42 -14.08
CA SER A 447 -5.56 22.71 -12.83
C SER A 447 -5.93 21.23 -12.96
N VAL A 448 -7.05 20.97 -13.62
CA VAL A 448 -7.53 19.60 -13.85
C VAL A 448 -6.58 18.84 -14.78
N ARG A 449 -6.20 19.46 -15.88
CA ARG A 449 -5.27 18.86 -16.84
C ARG A 449 -3.90 18.57 -16.22
N GLU A 450 -3.37 19.52 -15.46
CA GLU A 450 -2.05 19.36 -14.88
C GLU A 450 -2.03 18.31 -13.76
N ALA A 451 -3.12 18.23 -13.00
CA ALA A 451 -3.26 17.19 -12.00
C ALA A 451 -3.23 15.82 -12.70
N ALA A 452 -3.90 15.71 -13.84
CA ALA A 452 -3.95 14.47 -14.61
C ALA A 452 -2.58 14.10 -15.13
N GLU A 453 -1.82 15.10 -15.55
CA GLU A 453 -0.47 14.89 -16.03
C GLU A 453 0.43 14.31 -14.95
N ARG A 454 0.37 14.87 -13.74
CA ARG A 454 1.20 14.38 -12.64
C ARG A 454 0.85 12.94 -12.23
N MET A 455 -0.43 12.58 -12.34
CA MET A 455 -0.85 11.20 -12.09
C MET A 455 -0.33 10.28 -13.19
N ALA A 456 -0.40 10.78 -14.42
CA ALA A 456 -0.04 9.99 -15.59
C ALA A 456 1.42 9.66 -15.64
N PHE A 457 2.28 10.62 -15.33
CA PHE A 457 3.70 10.30 -15.45
C PHE A 457 4.28 9.66 -14.20
N ASN A 458 3.57 9.76 -13.07
CA ASN A 458 3.96 9.03 -11.87
C ASN A 458 3.70 7.54 -12.00
N MET A 459 2.58 7.20 -12.62
CA MET A 459 2.11 5.81 -12.68
C MET A 459 3.16 4.81 -13.23
N PRO A 460 3.81 5.11 -14.37
CA PRO A 460 4.78 4.13 -14.85
C PRO A 460 5.91 3.87 -13.85
N VAL A 461 6.31 4.89 -13.10
CA VAL A 461 7.37 4.73 -12.11
C VAL A 461 6.90 3.93 -10.89
N GLN A 462 5.86 4.43 -10.23
CA GLN A 462 5.29 3.75 -9.09
C GLN A 462 4.81 2.33 -9.43
N GLY A 463 4.23 2.17 -10.61
CA GLY A 463 3.66 0.89 -10.98
C GLY A 463 4.72 -0.12 -11.40
N THR A 464 5.82 0.36 -11.98
CA THR A 464 6.94 -0.54 -12.30
C THR A 464 7.58 -1.06 -11.01
N ALA A 465 7.82 -0.17 -10.05
CA ALA A 465 8.27 -0.57 -8.72
C ALA A 465 7.35 -1.62 -8.08
N ALA A 466 6.03 -1.41 -8.18
CA ALA A 466 5.06 -2.37 -7.67
C ALA A 466 5.15 -3.71 -8.39
N ASP A 467 5.29 -3.68 -9.71
CA ASP A 467 5.38 -4.91 -10.49
C ASP A 467 6.62 -5.69 -10.06
N LEU A 468 7.74 -4.99 -9.87
CA LEU A 468 8.98 -5.62 -9.46
C LEU A 468 8.85 -6.33 -8.12
N MET A 469 8.18 -5.69 -7.16
CA MET A 469 8.03 -6.29 -5.84
C MET A 469 7.10 -7.50 -5.90
N LYS A 470 6.03 -7.41 -6.68
CA LYS A 470 5.11 -8.53 -6.82
C LYS A 470 5.81 -9.72 -7.44
N LEU A 471 6.60 -9.45 -8.47
CA LEU A 471 7.37 -10.52 -9.10
C LEU A 471 8.32 -11.16 -8.11
N ALA A 472 8.96 -10.33 -7.30
CA ALA A 472 9.89 -10.83 -6.29
C ALA A 472 9.20 -11.71 -5.26
N MET A 473 8.00 -11.31 -4.86
CA MET A 473 7.23 -12.06 -3.89
C MET A 473 6.89 -13.43 -4.46
N VAL A 474 6.50 -13.45 -5.73
CA VAL A 474 6.14 -14.69 -6.41
C VAL A 474 7.34 -15.65 -6.49
N LYS A 475 8.50 -15.11 -6.80
CA LYS A 475 9.73 -15.89 -6.90
C LYS A 475 10.20 -16.37 -5.52
N LEU A 476 10.04 -15.51 -4.53
CA LEU A 476 10.58 -15.78 -3.20
C LEU A 476 9.75 -16.80 -2.43
N PHE A 477 8.44 -16.72 -2.54
CA PHE A 477 7.56 -17.61 -1.77
C PHE A 477 7.92 -19.12 -1.76
N PRO A 478 8.14 -19.74 -2.93
CA PRO A 478 8.45 -21.17 -2.81
C PRO A 478 9.80 -21.45 -2.14
N ARG A 479 10.74 -20.53 -2.25
CA ARG A 479 12.06 -20.72 -1.63
C ARG A 479 11.94 -20.66 -0.10
N LEU A 480 11.08 -19.79 0.39
CA LEU A 480 10.85 -19.67 1.84
C LEU A 480 10.19 -20.92 2.40
N GLU A 481 9.17 -21.41 1.71
CA GLU A 481 8.48 -22.64 2.11
C GLU A 481 9.47 -23.77 2.35
N GLU A 482 10.43 -23.90 1.44
CA GLU A 482 11.45 -24.94 1.52
C GLU A 482 12.38 -24.78 2.72
N MET A 483 12.51 -23.56 3.21
CA MET A 483 13.37 -23.30 4.37
C MET A 483 12.58 -23.17 5.68
N GLY A 484 11.29 -23.40 5.62
CA GLY A 484 10.46 -23.30 6.82
C GLY A 484 10.36 -21.86 7.29
N ALA A 485 10.48 -20.91 6.37
CA ALA A 485 10.27 -19.50 6.70
C ALA A 485 8.91 -19.05 6.18
N ARG A 486 8.45 -17.88 6.64
CA ARG A 486 7.13 -17.41 6.29
C ARG A 486 7.22 -15.97 5.81
N MET A 487 6.38 -15.62 4.85
CA MET A 487 6.27 -14.24 4.38
C MET A 487 5.11 -13.63 5.17
N LEU A 488 5.31 -12.46 5.79
CA LEU A 488 4.29 -11.92 6.70
C LEU A 488 3.58 -10.70 6.14
N LEU A 489 4.38 -9.74 5.69
CA LEU A 489 3.87 -8.43 5.30
C LEU A 489 4.63 -7.88 4.10
N GLN A 490 3.93 -7.08 3.29
CA GLN A 490 4.56 -6.28 2.25
C GLN A 490 4.14 -4.85 2.52
N VAL A 491 5.11 -3.93 2.51
CA VAL A 491 4.82 -2.50 2.61
C VAL A 491 5.39 -1.76 1.41
N HIS A 492 4.83 -2.05 0.24
CA HIS A 492 5.13 -1.38 -1.03
C HIS A 492 6.50 -1.71 -1.60
N ASP A 493 7.58 -1.31 -0.95
CA ASP A 493 8.90 -1.74 -1.41
C ASP A 493 9.66 -2.41 -0.28
N GLU A 494 8.92 -2.82 0.74
CA GLU A 494 9.49 -3.53 1.88
CA GLU A 494 9.50 -3.53 1.86
C GLU A 494 8.78 -4.87 2.03
N LEU A 495 9.51 -5.88 2.51
CA LEU A 495 8.94 -7.17 2.82
C LEU A 495 9.35 -7.53 4.23
N VAL A 496 8.45 -8.17 4.97
CA VAL A 496 8.82 -8.65 6.28
C VAL A 496 8.55 -10.15 6.34
N LEU A 497 9.57 -10.89 6.72
CA LEU A 497 9.49 -12.34 6.77
C LEU A 497 9.71 -12.76 8.21
N GLU A 498 9.43 -14.04 8.50
CA GLU A 498 9.63 -14.61 9.82
C GLU A 498 10.40 -15.91 9.57
N ALA A 499 11.48 -16.13 10.30
CA ALA A 499 12.31 -17.33 10.08
C ALA A 499 12.75 -17.93 11.41
N PRO A 500 12.90 -19.26 11.47
CA PRO A 500 13.53 -19.86 12.65
C PRO A 500 14.86 -19.17 12.95
N LYS A 501 15.18 -18.96 14.22
CA LYS A 501 16.37 -18.21 14.61
C LYS A 501 17.64 -18.74 13.95
N GLU A 502 17.75 -20.07 13.91
CA GLU A 502 18.88 -20.76 13.32
C GLU A 502 19.05 -20.57 11.80
N ARG A 503 17.96 -20.21 11.12
CA ARG A 503 18.01 -20.08 9.67
C ARG A 503 17.83 -18.64 9.22
N ALA A 504 17.63 -17.72 10.16
CA ALA A 504 17.29 -16.34 9.80
C ALA A 504 18.38 -15.69 8.96
N GLU A 505 19.64 -15.96 9.29
CA GLU A 505 20.74 -15.41 8.52
C GLU A 505 20.71 -15.90 7.06
N ALA A 506 20.50 -17.20 6.89
CA ALA A 506 20.41 -17.81 5.55
C ALA A 506 19.20 -17.31 4.79
N VAL A 507 18.08 -17.17 5.48
CA VAL A 507 16.88 -16.60 4.85
C VAL A 507 17.15 -15.18 4.35
N ALA A 508 17.84 -14.37 5.14
CA ALA A 508 18.04 -12.97 4.78
C ALA A 508 18.92 -12.86 3.55
N ARG A 509 19.98 -13.67 3.50
CA ARG A 509 20.87 -13.64 2.35
C ARG A 509 20.14 -14.08 1.10
N LEU A 510 19.35 -15.15 1.21
CA LEU A 510 18.63 -15.65 0.04
C LEU A 510 17.59 -14.65 -0.43
N ALA A 511 16.82 -14.10 0.50
CA ALA A 511 15.75 -13.15 0.15
C ALA A 511 16.32 -11.93 -0.54
N LYS A 512 17.45 -11.46 -0.04
CA LYS A 512 18.11 -10.29 -0.60
C LYS A 512 18.50 -10.53 -2.05
N GLU A 513 19.04 -11.71 -2.32
CA GLU A 513 19.44 -12.09 -3.66
C GLU A 513 18.26 -12.23 -4.61
N VAL A 514 17.20 -12.87 -4.16
CA VAL A 514 16.00 -13.01 -4.98
C VAL A 514 15.44 -11.61 -5.34
N MET A 515 15.40 -10.73 -4.37
CA MET A 515 14.84 -9.41 -4.62
C MET A 515 15.72 -8.55 -5.54
N GLU A 516 17.03 -8.61 -5.37
CA GLU A 516 17.95 -7.84 -6.18
C GLU A 516 18.00 -8.31 -7.63
N GLY A 517 17.85 -9.61 -7.84
CA GLY A 517 17.92 -10.15 -9.18
C GLY A 517 16.57 -10.45 -9.80
N VAL A 518 15.50 -9.83 -9.29
CA VAL A 518 14.16 -10.17 -9.76
C VAL A 518 13.97 -9.93 -11.26
N TYR A 519 14.47 -8.80 -11.74
CA TYR A 519 14.35 -8.43 -13.13
C TYR A 519 15.41 -7.36 -13.36
N PRO A 520 16.59 -7.75 -13.86
CA PRO A 520 17.72 -6.83 -14.04
C PRO A 520 17.35 -5.59 -14.85
N LEU A 521 17.72 -4.42 -14.34
CA LEU A 521 17.50 -3.14 -14.99
C LEU A 521 18.82 -2.58 -15.52
N ALA A 522 18.79 -1.39 -16.08
CA ALA A 522 19.99 -0.73 -16.57
C ALA A 522 20.88 -0.27 -15.40
N VAL A 523 20.31 -0.34 -14.19
CA VAL A 523 21.04 -0.04 -12.96
C VAL A 523 20.81 -1.18 -11.97
N PRO A 524 21.76 -1.37 -11.05
CA PRO A 524 21.59 -2.47 -10.08
C PRO A 524 20.47 -2.13 -9.11
N LEU A 525 19.72 -3.15 -8.70
CA LEU A 525 18.81 -2.99 -7.57
C LEU A 525 19.58 -3.31 -6.31
N GLU A 526 19.38 -2.51 -5.28
CA GLU A 526 20.03 -2.76 -4.00
C GLU A 526 19.00 -2.92 -2.91
N VAL A 527 19.19 -3.95 -2.08
CA VAL A 527 18.24 -4.24 -1.01
C VAL A 527 18.94 -4.19 0.34
N GLU A 528 18.40 -3.38 1.25
CA GLU A 528 18.91 -3.34 2.61
C GLU A 528 18.16 -4.38 3.43
N VAL A 529 18.87 -5.09 4.30
CA VAL A 529 18.24 -6.16 5.05
C VAL A 529 18.54 -6.04 6.54
N GLY A 530 17.54 -6.30 7.38
CA GLY A 530 17.77 -6.31 8.82
C GLY A 530 17.11 -7.49 9.50
N ILE A 531 17.67 -7.90 10.63
CA ILE A 531 17.13 -9.02 11.39
C ILE A 531 16.88 -8.60 12.84
N GLY A 532 15.72 -8.97 13.40
CA GLY A 532 15.45 -8.66 14.79
C GLY A 532 14.23 -9.34 15.42
N GLU A 533 14.10 -9.20 16.74
CA GLU A 533 12.97 -9.77 17.47
C GLU A 533 11.67 -8.98 17.26
N ASP A 534 11.80 -7.73 16.88
CA ASP A 534 10.60 -6.93 16.57
C ASP A 534 10.79 -6.10 15.31
N TRP A 535 9.68 -5.55 14.79
CA TRP A 535 9.71 -4.87 13.51
C TRP A 535 10.67 -3.68 13.54
N LEU A 536 10.66 -2.92 14.62
CA LEU A 536 11.54 -1.77 14.74
C LEU A 536 13.02 -2.17 14.74
N SER A 537 13.36 -3.19 15.54
CA SER A 537 14.72 -3.68 15.64
C SER A 537 15.23 -4.22 14.32
N ALA A 538 14.34 -4.86 13.56
CA ALA A 538 14.70 -5.48 12.30
C ALA A 538 14.94 -4.46 11.19
N LYS A 539 14.46 -3.23 11.37
CA LYS A 539 14.72 -2.18 10.38
C LYS A 539 15.93 -1.37 10.78
N GLU A 540 16.61 -1.86 11.82
CA GLU A 540 17.83 -1.24 12.34
C GLU A 540 17.59 0.19 12.81
#